data_7AGO
#
_entry.id   7AGO
#
_cell.length_a   85.740
_cell.length_b   85.740
_cell.length_c   75.630
_cell.angle_alpha   90.000
_cell.angle_beta   90.000
_cell.angle_gamma   90.000
#
_symmetry.space_group_name_H-M   'P 41 21 2'
#
loop_
_entity.id
_entity.type
_entity.pdbx_description
1 polymer 'N-acetylmuramoyl-L-alanine amidase'
2 non-polymer D-alpha-glutamine
3 non-polymer ALANINE
4 non-polymer 'ZINC ION'
5 water water
#
_entity_poly.entity_id   1
_entity_poly.type   'polypeptide(L)'
_entity_poly.pdbx_seq_one_letter_code
;GAPGIAGRIVVLDPGHNGANDSSINNQVPDGRGGTKSCQTSGTATDGGYPEHTFTWNTVLLIRQQLTQLGVRTAMTRGDD
NKLGPCIDKRAEIENSYNPDAVVSIHADGGPAGGHGFHVNYSNPPVNAVQGEPTLRFAKTMRDSLQAAGLTPATYIGTGG
LYGRSDLAGLNLAQHPKVLVELGNMKNAQDSAMMTSPEGRSKYAQAVVQGIVAYLSGTAPAAAPAPEAAPAGG
;
_entity_poly.pdbx_strand_id   A
#
loop_
_chem_comp.id
_chem_comp.type
_chem_comp.name
_chem_comp.formula
ZN non-polymer 'ZINC ION' 'Zn 2'
#
# COMPACT_ATOMS: atom_id res chain seq x y z
N ILE A 5 0.94 -14.17 -15.83
CA ILE A 5 0.88 -13.82 -14.41
C ILE A 5 1.77 -14.73 -13.58
N ALA A 6 1.69 -16.04 -13.82
CA ALA A 6 2.49 -16.98 -13.06
C ALA A 6 3.97 -16.73 -13.32
N GLY A 7 4.77 -16.76 -12.25
CA GLY A 7 6.18 -16.50 -12.36
C GLY A 7 6.58 -15.06 -12.20
N ARG A 8 5.62 -14.14 -12.22
CA ARG A 8 5.93 -12.75 -11.88
C ARG A 8 6.27 -12.64 -10.40
N ILE A 9 6.93 -11.54 -10.05
CA ILE A 9 7.39 -11.28 -8.68
C ILE A 9 6.68 -10.05 -8.17
N VAL A 10 6.02 -10.18 -7.02
CA VAL A 10 5.33 -9.06 -6.37
C VAL A 10 5.80 -8.97 -4.93
N VAL A 11 6.16 -7.76 -4.49
CA VAL A 11 6.48 -7.52 -3.08
C VAL A 11 5.35 -6.72 -2.46
N LEU A 12 4.96 -7.12 -1.24
CA LEU A 12 3.84 -6.53 -0.53
C LEU A 12 4.36 -5.87 0.74
N ASP A 13 3.89 -4.65 1.01
CA ASP A 13 4.33 -3.88 2.17
C ASP A 13 3.11 -3.57 3.04
N PRO A 14 2.90 -4.31 4.14
CA PRO A 14 1.88 -3.90 5.11
C PRO A 14 2.41 -2.74 5.94
N GLY A 15 1.80 -1.56 5.76
CA GLY A 15 2.36 -0.35 6.33
C GLY A 15 2.44 -0.39 7.84
N HIS A 16 3.48 0.28 8.36
CA HIS A 16 3.77 0.48 9.78
C HIS A 16 4.24 -0.81 10.47
N ASN A 17 4.56 -0.69 11.76
CA ASN A 17 5.17 -1.75 12.55
C ASN A 17 4.15 -2.39 13.49
N GLY A 18 4.46 -3.62 13.91
CA GLY A 18 3.72 -4.22 15.00
C GLY A 18 3.92 -3.52 16.34
N ALA A 19 5.10 -2.91 16.53
CA ALA A 19 5.38 -2.17 17.76
C ALA A 19 6.44 -1.13 17.43
N ASN A 20 6.58 -0.14 18.32
CA ASN A 20 7.51 0.95 18.04
C ASN A 20 8.34 1.28 19.26
N ASP A 21 9.47 1.97 19.02
CA ASP A 21 10.22 2.65 20.07
C ASP A 21 10.75 3.95 19.46
N SER A 22 11.60 4.66 20.21
CA SER A 22 11.99 5.99 19.76
C SER A 22 12.91 5.96 18.55
N SER A 23 13.37 4.77 18.13
CA SER A 23 14.14 4.69 16.90
C SER A 23 13.34 5.10 15.68
N ILE A 24 12.00 5.04 15.76
CA ILE A 24 11.23 5.44 14.58
C ILE A 24 11.32 6.93 14.32
N ASN A 25 11.80 7.72 15.27
CA ASN A 25 11.95 9.16 15.08
C ASN A 25 13.27 9.57 14.43
N ASN A 26 14.21 8.65 14.24
CA ASN A 26 15.42 8.98 13.52
C ASN A 26 15.11 9.29 12.07
N GLN A 27 15.84 10.25 11.51
CA GLN A 27 15.56 10.74 10.15
C GLN A 27 16.31 9.90 9.12
N VAL A 28 15.60 9.55 8.04
CA VAL A 28 16.16 8.76 6.94
C VAL A 28 16.03 9.55 5.64
N PRO A 29 16.90 9.34 4.65
CA PRO A 29 16.78 10.08 3.40
C PRO A 29 15.49 9.72 2.67
N ASP A 30 14.84 10.71 2.09
CA ASP A 30 13.49 10.51 1.57
C ASP A 30 13.43 10.33 0.05
N GLY A 31 14.58 10.27 -0.61
CA GLY A 31 14.64 10.07 -2.04
C GLY A 31 14.37 11.30 -2.88
N ARG A 32 14.06 12.43 -2.26
CA ARG A 32 13.73 13.64 -3.01
C ARG A 32 14.30 14.87 -2.30
N GLY A 33 15.58 14.80 -1.94
CA GLY A 33 16.31 15.94 -1.42
C GLY A 33 16.17 16.18 0.07
N GLY A 34 15.33 15.42 0.76
CA GLY A 34 15.08 15.69 2.17
C GLY A 34 15.23 14.46 3.05
N THR A 35 14.77 14.57 4.29
CA THR A 35 14.71 13.43 5.20
C THR A 35 13.36 13.42 5.89
N LYS A 36 12.96 12.25 6.37
CA LYS A 36 11.75 12.17 7.18
C LYS A 36 11.91 11.01 8.17
N SER A 37 10.92 10.86 9.05
CA SER A 37 11.04 9.88 10.12
C SER A 37 11.10 8.45 9.58
N CYS A 38 11.95 7.64 10.21
CA CYS A 38 12.09 6.23 9.88
C CYS A 38 10.74 5.53 9.82
N GLN A 39 9.86 5.80 10.79
CA GLN A 39 8.53 5.22 10.78
C GLN A 39 7.58 6.14 11.53
N THR A 40 6.29 5.87 11.36
CA THR A 40 5.22 6.43 12.19
C THR A 40 4.34 5.29 12.66
N SER A 41 3.61 5.52 13.75
CA SER A 41 2.83 4.43 14.33
C SER A 41 1.67 3.99 13.43
N GLY A 42 1.13 4.91 12.63
CA GLY A 42 -0.11 4.65 11.92
C GLY A 42 -1.32 4.96 12.79
N THR A 43 -2.50 4.87 12.17
CA THR A 43 -3.69 5.28 12.88
C THR A 43 -4.43 4.05 13.42
N ALA A 44 -5.71 4.21 13.75
CA ALA A 44 -6.55 3.11 14.26
C ALA A 44 -8.00 3.51 14.07
N THR A 45 -8.88 2.50 14.03
CA THR A 45 -10.29 2.86 14.12
C THR A 45 -10.59 3.42 15.51
N ASP A 46 -11.74 4.10 15.63
CA ASP A 46 -12.18 4.53 16.96
C ASP A 46 -12.57 3.36 17.85
N GLY A 47 -12.75 2.16 17.29
CA GLY A 47 -12.91 0.95 18.06
C GLY A 47 -11.62 0.33 18.54
N GLY A 48 -10.48 0.91 18.19
CA GLY A 48 -9.20 0.45 18.66
C GLY A 48 -8.49 -0.53 17.75
N TYR A 49 -8.98 -0.72 16.53
CA TYR A 49 -8.35 -1.67 15.62
C TYR A 49 -7.22 -0.94 14.91
N PRO A 50 -5.96 -1.31 15.17
CA PRO A 50 -4.83 -0.51 14.68
C PRO A 50 -4.63 -0.66 13.19
N GLU A 51 -4.19 0.44 12.57
CA GLU A 51 -3.82 0.39 11.16
C GLU A 51 -2.81 -0.73 10.89
N HIS A 52 -1.79 -0.87 11.76
CA HIS A 52 -0.75 -1.85 11.48
C HIS A 52 -1.29 -3.27 11.49
N THR A 53 -2.36 -3.52 12.24
CA THR A 53 -2.94 -4.87 12.24
C THR A 53 -3.81 -5.06 11.00
N PHE A 54 -4.54 -4.01 10.60
CA PHE A 54 -5.33 -4.09 9.37
C PHE A 54 -4.44 -4.36 8.17
N THR A 55 -3.33 -3.61 8.03
CA THR A 55 -2.50 -3.78 6.86
C THR A 55 -1.84 -5.14 6.87
N TRP A 56 -1.37 -5.58 8.04
CA TRP A 56 -0.77 -6.91 8.15
C TRP A 56 -1.75 -7.98 7.68
N ASN A 57 -2.95 -8.00 8.23
CA ASN A 57 -3.86 -9.10 7.91
C ASN A 57 -4.33 -9.02 6.47
N THR A 58 -4.52 -7.81 5.94
CA THR A 58 -4.92 -7.70 4.54
C THR A 58 -3.80 -8.15 3.62
N VAL A 59 -2.56 -7.80 3.93
CA VAL A 59 -1.44 -8.25 3.11
C VAL A 59 -1.31 -9.78 3.14
N LEU A 60 -1.54 -10.40 4.31
CA LEU A 60 -1.46 -11.86 4.36
C LEU A 60 -2.46 -12.50 3.41
N LEU A 61 -3.67 -11.94 3.31
CA LEU A 61 -4.67 -12.47 2.40
C LEU A 61 -4.28 -12.23 0.94
N ILE A 62 -3.72 -11.05 0.64
CA ILE A 62 -3.23 -10.79 -0.72
C ILE A 62 -2.13 -11.78 -1.08
N ARG A 63 -1.20 -12.00 -0.15
N ARG A 63 -1.18 -12.01 -0.16
CA ARG A 63 -0.08 -12.92 -0.39
CA ARG A 63 -0.09 -12.93 -0.48
C ARG A 63 -0.57 -14.32 -0.69
C ARG A 63 -0.63 -14.33 -0.77
N GLN A 64 -1.53 -14.82 0.08
CA GLN A 64 -2.05 -16.16 -0.11
C GLN A 64 -2.71 -16.31 -1.47
N GLN A 65 -3.49 -15.29 -1.89
N GLN A 65 -3.47 -15.29 -1.90
CA GLN A 65 -4.15 -15.36 -3.19
CA GLN A 65 -4.16 -15.34 -3.18
C GLN A 65 -3.13 -15.32 -4.33
C GLN A 65 -3.17 -15.26 -4.35
N LEU A 66 -2.13 -14.44 -4.22
CA LEU A 66 -1.12 -14.35 -5.28
C LEU A 66 -0.36 -15.66 -5.43
N THR A 67 0.00 -16.28 -4.30
CA THR A 67 0.71 -17.56 -4.35
C THR A 67 -0.11 -18.63 -5.07
N GLN A 68 -1.43 -18.64 -4.84
CA GLN A 68 -2.28 -19.61 -5.53
C GLN A 68 -2.30 -19.36 -7.04
N LEU A 69 -2.05 -18.12 -7.46
CA LEU A 69 -2.00 -17.80 -8.88
C LEU A 69 -0.63 -18.05 -9.50
N GLY A 70 0.31 -18.60 -8.74
CA GLY A 70 1.64 -18.83 -9.26
C GLY A 70 2.56 -17.63 -9.22
N VAL A 71 2.18 -16.58 -8.50
CA VAL A 71 2.99 -15.38 -8.39
C VAL A 71 3.99 -15.55 -7.26
N ARG A 72 5.25 -15.23 -7.53
CA ARG A 72 6.29 -15.24 -6.51
C ARG A 72 6.16 -14.00 -5.65
N THR A 73 6.22 -14.16 -4.32
CA THR A 73 5.86 -13.06 -3.42
C THR A 73 6.89 -12.88 -2.32
N ALA A 74 6.98 -11.65 -1.82
CA ALA A 74 7.72 -11.37 -0.59
C ALA A 74 6.99 -10.26 0.16
N MET A 75 7.36 -10.09 1.43
CA MET A 75 6.82 -9.05 2.30
C MET A 75 7.96 -8.27 2.94
N THR A 76 7.63 -7.06 3.39
CA THR A 76 8.60 -6.15 4.02
C THR A 76 8.68 -6.30 5.53
N ARG A 77 7.77 -7.05 6.15
CA ARG A 77 7.92 -7.39 7.56
C ARG A 77 7.37 -8.77 7.81
N GLY A 78 7.72 -9.33 8.98
CA GLY A 78 7.45 -10.72 9.27
C GLY A 78 6.54 -10.95 10.46
N ASP A 79 5.99 -9.88 11.04
CA ASP A 79 5.15 -10.02 12.21
C ASP A 79 4.32 -8.75 12.37
N ASP A 80 3.38 -8.82 13.32
CA ASP A 80 2.60 -7.66 13.71
C ASP A 80 2.71 -7.44 15.22
N ASN A 81 3.91 -7.64 15.78
CA ASN A 81 4.04 -7.35 17.21
C ASN A 81 5.40 -6.81 17.62
N LYS A 82 6.35 -6.61 16.70
CA LYS A 82 7.67 -6.07 17.02
C LYS A 82 8.01 -4.91 16.10
N LEU A 83 9.09 -4.23 16.46
CA LEU A 83 9.68 -3.24 15.56
C LEU A 83 9.88 -3.84 14.17
N GLY A 84 9.49 -3.08 13.15
CA GLY A 84 9.71 -3.48 11.78
C GLY A 84 10.67 -2.52 11.08
N PRO A 85 10.93 -2.73 9.80
CA PRO A 85 11.94 -1.94 9.10
C PRO A 85 11.48 -0.51 8.84
N CYS A 86 12.46 0.40 8.84
CA CYS A 86 12.23 1.80 8.47
C CYS A 86 11.74 1.90 7.04
N ILE A 87 11.14 3.05 6.71
CA ILE A 87 10.56 3.18 5.37
C ILE A 87 11.62 3.14 4.29
N ASP A 88 12.83 3.65 4.54
CA ASP A 88 13.84 3.57 3.48
C ASP A 88 14.32 2.13 3.31
N LYS A 89 14.50 1.41 4.42
CA LYS A 89 14.88 0.00 4.35
C LYS A 89 13.81 -0.85 3.65
N ARG A 90 12.53 -0.53 3.86
CA ARG A 90 11.48 -1.28 3.18
C ARG A 90 11.58 -1.13 1.67
N ALA A 91 11.85 0.10 1.20
CA ALA A 91 12.04 0.31 -0.24
C ALA A 91 13.26 -0.46 -0.75
N GLU A 92 14.34 -0.49 0.03
CA GLU A 92 15.52 -1.28 -0.34
C GLU A 92 15.19 -2.76 -0.41
N ILE A 93 14.42 -3.28 0.56
CA ILE A 93 14.03 -4.68 0.55
C ILE A 93 13.21 -4.99 -0.69
N GLU A 94 12.21 -4.16 -0.97
CA GLU A 94 11.39 -4.34 -2.18
C GLU A 94 12.27 -4.39 -3.41
N ASN A 95 13.19 -3.43 -3.53
CA ASN A 95 14.02 -3.33 -4.73
C ASN A 95 14.92 -4.55 -4.89
N SER A 96 15.36 -5.15 -3.78
CA SER A 96 16.30 -6.27 -3.84
C SER A 96 15.69 -7.52 -4.48
N TYR A 97 14.38 -7.59 -4.59
CA TYR A 97 13.74 -8.74 -5.21
C TYR A 97 13.57 -8.59 -6.71
N ASN A 98 14.01 -7.48 -7.30
CA ASN A 98 13.77 -7.17 -8.71
C ASN A 98 12.32 -7.41 -9.11
N PRO A 99 11.36 -6.87 -8.36
CA PRO A 99 9.96 -7.24 -8.57
C PRO A 99 9.36 -6.62 -9.82
N ASP A 100 8.35 -7.29 -10.34
CA ASP A 100 7.56 -6.75 -11.45
C ASP A 100 6.58 -5.70 -10.95
N ALA A 101 6.15 -5.79 -9.69
CA ALA A 101 5.23 -4.83 -9.12
C ALA A 101 5.36 -4.86 -7.61
N VAL A 102 5.13 -3.71 -6.98
CA VAL A 102 5.17 -3.56 -5.53
C VAL A 102 3.90 -2.86 -5.07
N VAL A 103 3.25 -3.41 -4.05
CA VAL A 103 2.05 -2.78 -3.51
C VAL A 103 2.23 -2.56 -2.02
N SER A 104 2.09 -1.32 -1.58
CA SER A 104 2.08 -0.96 -0.17
C SER A 104 0.63 -0.74 0.26
N ILE A 105 0.27 -1.27 1.44
CA ILE A 105 -1.10 -1.23 1.92
C ILE A 105 -1.16 -0.40 3.20
N HIS A 106 -2.05 0.59 3.21
CA HIS A 106 -2.23 1.47 4.34
C HIS A 106 -3.72 1.66 4.57
N ALA A 107 -4.07 2.25 5.71
CA ALA A 107 -5.40 2.80 5.93
C ALA A 107 -5.25 4.17 6.57
N ASP A 108 -6.21 5.03 6.33
CA ASP A 108 -6.03 6.47 6.49
C ASP A 108 -6.78 6.97 7.72
N GLY A 109 -6.44 8.20 8.11
CA GLY A 109 -7.20 8.93 9.11
C GLY A 109 -7.69 10.24 8.53
N GLY A 110 -8.99 10.38 8.33
CA GLY A 110 -9.54 11.58 7.72
C GLY A 110 -10.81 12.00 8.40
N PRO A 111 -11.46 13.07 7.89
CA PRO A 111 -12.73 13.49 8.47
C PRO A 111 -13.70 12.33 8.53
N ALA A 112 -14.49 12.27 9.61
CA ALA A 112 -15.28 11.08 9.91
C ALA A 112 -16.30 10.78 8.81
N GLY A 113 -16.78 11.80 8.11
CA GLY A 113 -17.73 11.52 7.04
C GLY A 113 -17.11 11.05 5.74
N GLY A 114 -15.78 11.12 5.63
CA GLY A 114 -15.09 10.77 4.39
C GLY A 114 -14.76 9.28 4.36
N HIS A 115 -14.91 8.68 3.18
CA HIS A 115 -14.67 7.24 3.08
C HIS A 115 -14.19 6.90 1.68
N GLY A 116 -13.66 5.68 1.54
CA GLY A 116 -13.19 5.17 0.27
C GLY A 116 -11.67 5.13 0.17
N PHE A 117 -11.20 4.66 -0.97
CA PHE A 117 -9.78 4.37 -1.20
C PHE A 117 -9.10 5.45 -2.02
N HIS A 118 -7.78 5.60 -1.85
CA HIS A 118 -7.02 6.35 -2.85
C HIS A 118 -5.68 5.68 -3.10
N VAL A 119 -5.26 5.72 -4.36
CA VAL A 119 -4.06 5.06 -4.84
C VAL A 119 -3.00 6.15 -4.99
N ASN A 120 -1.95 6.08 -4.17
CA ASN A 120 -0.87 7.06 -4.16
C ASN A 120 0.26 6.60 -5.07
N TYR A 121 0.82 7.53 -5.83
CA TYR A 121 1.91 7.22 -6.73
C TYR A 121 2.85 8.41 -6.80
N SER A 122 4.08 8.15 -7.23
CA SER A 122 5.12 9.18 -7.24
C SER A 122 4.84 10.22 -8.32
N ASN A 123 4.83 11.49 -7.92
CA ASN A 123 4.61 12.56 -8.89
C ASN A 123 5.21 13.85 -8.35
N PRO A 124 6.10 14.51 -9.10
CA PRO A 124 6.62 14.06 -10.39
C PRO A 124 7.58 12.88 -10.21
N PRO A 125 7.73 12.04 -11.23
CA PRO A 125 8.61 10.88 -11.09
C PRO A 125 10.05 11.31 -10.93
N VAL A 126 10.83 10.54 -10.16
N VAL A 126 10.79 10.52 -10.14
CA VAL A 126 12.26 10.84 -10.04
CA VAL A 126 12.22 10.75 -9.95
C VAL A 126 13.11 9.91 -10.90
C VAL A 126 13.07 9.96 -10.94
N ASN A 127 12.51 8.92 -11.57
CA ASN A 127 13.24 8.11 -12.53
C ASN A 127 12.26 7.64 -13.61
N ALA A 128 12.76 6.85 -14.56
CA ALA A 128 11.94 6.47 -15.70
C ALA A 128 10.80 5.53 -15.29
N VAL A 129 11.08 4.57 -14.40
CA VAL A 129 10.06 3.59 -14.06
C VAL A 129 8.93 4.23 -13.28
N GLN A 130 9.19 5.34 -12.58
CA GLN A 130 8.12 6.06 -11.90
C GLN A 130 7.25 6.87 -12.84
N GLY A 131 7.57 6.89 -14.14
CA GLY A 131 6.73 7.53 -15.12
C GLY A 131 5.60 6.63 -15.59
N GLU A 132 5.52 6.41 -16.91
CA GLU A 132 4.41 5.64 -17.48
C GLU A 132 4.20 4.27 -16.82
N PRO A 133 5.23 3.46 -16.53
CA PRO A 133 4.94 2.16 -15.90
C PRO A 133 4.23 2.28 -14.56
N THR A 134 4.51 3.32 -13.79
CA THR A 134 3.91 3.51 -12.48
C THR A 134 2.56 4.21 -12.55
N LEU A 135 2.44 5.23 -13.39
CA LEU A 135 1.13 5.87 -13.58
C LEU A 135 0.12 4.86 -14.14
N ARG A 136 0.56 4.00 -15.05
N ARG A 136 0.55 4.00 -15.06
CA ARG A 136 -0.30 2.94 -15.56
CA ARG A 136 -0.35 2.95 -15.54
C ARG A 136 -0.72 1.99 -14.44
C ARG A 136 -0.75 2.02 -14.39
N PHE A 137 0.21 1.67 -13.52
CA PHE A 137 -0.14 0.84 -12.38
C PHE A 137 -1.17 1.52 -11.49
N ALA A 138 -0.98 2.81 -11.22
CA ALA A 138 -1.91 3.53 -10.36
C ALA A 138 -3.31 3.59 -10.96
N LYS A 139 -3.40 3.92 -12.25
CA LYS A 139 -4.71 4.01 -12.90
C LYS A 139 -5.37 2.65 -12.97
N THR A 140 -4.58 1.60 -13.26
CA THR A 140 -5.15 0.26 -13.35
C THR A 140 -5.64 -0.22 -11.99
N MET A 141 -4.85 0.03 -10.94
CA MET A 141 -5.29 -0.32 -9.59
C MET A 141 -6.57 0.41 -9.24
N ARG A 142 -6.60 1.72 -9.48
CA ARG A 142 -7.82 2.49 -9.20
C ARG A 142 -9.02 1.91 -9.93
N ASP A 143 -8.87 1.61 -11.23
CA ASP A 143 -9.98 1.06 -12.00
C ASP A 143 -10.44 -0.27 -11.41
N SER A 144 -9.50 -1.14 -11.04
CA SER A 144 -9.87 -2.45 -10.51
C SER A 144 -10.57 -2.35 -9.15
N LEU A 145 -10.07 -1.46 -8.28
CA LEU A 145 -10.71 -1.27 -6.98
C LEU A 145 -12.13 -0.75 -7.16
N GLN A 146 -12.32 0.23 -8.05
CA GLN A 146 -13.66 0.76 -8.27
C GLN A 146 -14.57 -0.29 -8.93
N ALA A 147 -14.03 -1.05 -9.89
CA ALA A 147 -14.85 -2.06 -10.55
C ALA A 147 -15.27 -3.15 -9.58
N ALA A 148 -14.48 -3.38 -8.53
CA ALA A 148 -14.83 -4.33 -7.47
C ALA A 148 -15.89 -3.80 -6.53
N GLY A 149 -16.33 -2.55 -6.69
CA GLY A 149 -17.38 -1.99 -5.87
C GLY A 149 -16.90 -1.10 -4.75
N LEU A 150 -15.59 -0.89 -4.62
CA LEU A 150 -15.07 0.06 -3.65
C LEU A 150 -15.24 1.49 -4.15
N THR A 151 -15.36 2.41 -3.21
CA THR A 151 -15.65 3.80 -3.51
C THR A 151 -14.36 4.61 -3.56
N PRO A 152 -14.10 5.39 -4.61
CA PRO A 152 -12.94 6.29 -4.57
C PRO A 152 -13.11 7.29 -3.44
N ALA A 153 -12.00 7.59 -2.75
CA ALA A 153 -12.07 8.43 -1.56
C ALA A 153 -12.86 9.71 -1.82
N THR A 154 -13.79 10.01 -0.91
CA THR A 154 -14.63 11.19 -1.07
C THR A 154 -13.97 12.43 -0.49
N TYR A 155 -12.79 12.31 0.11
CA TYR A 155 -12.23 13.36 0.94
C TYR A 155 -10.78 13.70 0.60
N ILE A 156 -10.17 13.03 -0.36
CA ILE A 156 -8.77 13.27 -0.69
C ILE A 156 -8.49 12.69 -2.07
N GLY A 157 -7.56 13.29 -2.78
CA GLY A 157 -7.20 12.82 -4.09
C GLY A 157 -8.22 13.20 -5.14
N THR A 158 -8.05 12.61 -6.32
CA THR A 158 -8.85 12.91 -7.50
C THR A 158 -9.33 11.59 -8.08
N GLY A 159 -10.61 11.28 -7.90
CA GLY A 159 -11.15 10.04 -8.44
C GLY A 159 -10.40 8.80 -8.00
N GLY A 160 -9.89 8.79 -6.77
CA GLY A 160 -9.19 7.64 -6.23
C GLY A 160 -7.72 7.58 -6.56
N LEU A 161 -7.16 8.64 -7.14
CA LEU A 161 -5.74 8.75 -7.41
C LEU A 161 -5.15 9.92 -6.66
N TYR A 162 -3.88 9.80 -6.27
CA TYR A 162 -3.21 10.88 -5.55
C TYR A 162 -1.72 10.84 -5.91
N GLY A 163 -1.30 11.72 -6.82
CA GLY A 163 0.12 11.83 -7.13
C GLY A 163 0.79 12.73 -6.12
N ARG A 164 1.93 12.30 -5.59
CA ARG A 164 2.56 13.06 -4.53
C ARG A 164 4.06 12.84 -4.51
N SER A 165 4.75 13.77 -3.87
CA SER A 165 6.20 13.79 -3.86
C SER A 165 6.79 13.57 -2.47
N ASP A 166 5.97 13.44 -1.44
CA ASP A 166 6.43 13.48 -0.06
C ASP A 166 6.68 12.10 0.55
N LEU A 167 6.42 11.01 -0.18
CA LEU A 167 6.50 9.67 0.39
C LEU A 167 7.81 8.99 -0.01
N ALA A 168 8.65 8.71 0.97
CA ALA A 168 9.95 8.09 0.70
C ALA A 168 9.78 6.72 0.07
N GLY A 169 8.79 5.96 0.50
CA GLY A 169 8.55 4.64 -0.07
C GLY A 169 8.20 4.67 -1.54
N LEU A 170 7.66 5.79 -2.01
CA LEU A 170 7.40 5.94 -3.44
C LEU A 170 8.60 6.54 -4.17
N ASN A 171 9.23 7.55 -3.57
CA ASN A 171 10.38 8.19 -4.20
C ASN A 171 11.52 7.21 -4.44
N LEU A 172 11.68 6.24 -3.54
CA LEU A 172 12.83 5.34 -3.60
C LEU A 172 12.58 4.11 -4.49
N ALA A 173 11.38 3.98 -5.05
CA ALA A 173 11.03 2.79 -5.81
C ALA A 173 11.83 2.70 -7.11
N GLN A 174 12.38 1.52 -7.39
CA GLN A 174 13.05 1.23 -8.67
C GLN A 174 12.21 0.36 -9.59
N HIS A 175 10.98 0.05 -9.19
CA HIS A 175 10.07 -0.83 -9.90
C HIS A 175 8.67 -0.27 -9.75
N PRO A 176 7.73 -0.69 -10.59
CA PRO A 176 6.37 -0.12 -10.51
C PRO A 176 5.78 -0.35 -9.13
N LYS A 177 5.27 0.72 -8.52
CA LYS A 177 4.82 0.66 -7.14
C LYS A 177 3.66 1.62 -6.94
N VAL A 178 2.68 1.20 -6.12
CA VAL A 178 1.62 2.07 -5.65
C VAL A 178 1.45 1.85 -4.15
N LEU A 179 0.99 2.88 -3.46
CA LEU A 179 0.63 2.79 -2.05
C LEU A 179 -0.88 3.00 -2.00
N VAL A 180 -1.62 1.95 -1.63
CA VAL A 180 -3.07 2.00 -1.61
C VAL A 180 -3.51 2.26 -0.18
N GLU A 181 -4.15 3.42 0.02
CA GLU A 181 -4.89 3.70 1.25
C GLU A 181 -6.30 3.16 1.04
N LEU A 182 -6.63 2.05 1.72
CA LEU A 182 -7.84 1.33 1.34
C LEU A 182 -9.11 2.00 1.86
N GLY A 183 -9.00 2.84 2.87
CA GLY A 183 -10.17 3.54 3.40
C GLY A 183 -9.78 4.41 4.57
N ASN A 184 -10.80 5.03 5.18
CA ASN A 184 -10.63 5.94 6.31
C ASN A 184 -11.01 5.23 7.60
N MET A 185 -10.01 4.93 8.46
CA MET A 185 -10.31 4.20 9.68
C MET A 185 -11.23 4.98 10.61
N LYS A 186 -11.32 6.29 10.45
CA LYS A 186 -12.15 7.14 11.29
C LYS A 186 -13.59 7.25 10.78
N ASN A 187 -13.94 6.52 9.74
CA ASN A 187 -15.26 6.54 9.15
C ASN A 187 -16.04 5.29 9.53
N ALA A 188 -17.35 5.44 9.77
CA ALA A 188 -18.13 4.31 10.28
C ALA A 188 -18.14 3.13 9.31
N GLN A 189 -18.37 3.39 8.03
CA GLN A 189 -18.51 2.33 7.05
C GLN A 189 -17.17 1.64 6.78
N ASP A 190 -16.11 2.43 6.60
CA ASP A 190 -14.79 1.83 6.36
C ASP A 190 -14.29 1.08 7.59
N SER A 191 -14.50 1.63 8.78
CA SER A 191 -14.10 0.91 10.00
C SER A 191 -14.78 -0.45 10.07
N ALA A 192 -16.09 -0.49 9.80
CA ALA A 192 -16.79 -1.77 9.87
C ALA A 192 -16.17 -2.77 8.90
N MET A 193 -15.87 -2.32 7.69
CA MET A 193 -15.29 -3.24 6.70
C MET A 193 -13.87 -3.65 7.08
N MET A 194 -13.06 -2.72 7.58
CA MET A 194 -11.70 -3.08 7.96
C MET A 194 -11.67 -4.05 9.14
N THR A 195 -12.63 -3.91 10.06
CA THR A 195 -12.70 -4.73 11.26
C THR A 195 -13.30 -6.11 10.99
N SER A 196 -13.88 -6.31 9.81
CA SER A 196 -14.56 -7.54 9.40
C SER A 196 -13.59 -8.46 8.69
N PRO A 197 -13.48 -9.73 9.08
CA PRO A 197 -12.65 -10.67 8.31
C PRO A 197 -13.03 -10.71 6.83
N GLU A 198 -14.32 -10.75 6.52
CA GLU A 198 -14.73 -10.81 5.12
C GLU A 198 -14.52 -9.46 4.44
N GLY A 199 -14.54 -8.37 5.20
CA GLY A 199 -14.19 -7.08 4.63
C GLY A 199 -12.73 -7.03 4.20
N ARG A 200 -11.83 -7.56 5.05
CA ARG A 200 -10.43 -7.61 4.67
C ARG A 200 -10.23 -8.53 3.47
N SER A 201 -10.99 -9.61 3.41
CA SER A 201 -10.91 -10.50 2.24
C SER A 201 -11.34 -9.78 0.97
N LYS A 202 -12.44 -9.01 1.04
CA LYS A 202 -12.88 -8.27 -0.14
C LYS A 202 -11.86 -7.21 -0.58
N TYR A 203 -11.29 -6.48 0.39
CA TYR A 203 -10.21 -5.54 0.06
C TYR A 203 -9.08 -6.27 -0.66
N ALA A 204 -8.68 -7.43 -0.11
CA ALA A 204 -7.53 -8.15 -0.65
C ALA A 204 -7.81 -8.65 -2.06
N GLN A 205 -9.01 -9.19 -2.29
CA GLN A 205 -9.37 -9.67 -3.62
C GLN A 205 -9.35 -8.55 -4.66
N ALA A 206 -9.78 -7.35 -4.25
CA ALA A 206 -9.81 -6.24 -5.19
C ALA A 206 -8.40 -5.77 -5.53
N VAL A 207 -7.52 -5.71 -4.53
CA VAL A 207 -6.12 -5.38 -4.77
C VAL A 207 -5.50 -6.41 -5.70
N VAL A 208 -5.79 -7.69 -5.47
CA VAL A 208 -5.24 -8.74 -6.33
C VAL A 208 -5.75 -8.56 -7.76
N GLN A 209 -7.02 -8.21 -7.93
CA GLN A 209 -7.52 -7.93 -9.28
C GLN A 209 -6.73 -6.81 -9.93
N GLY A 210 -6.36 -5.79 -9.16
CA GLY A 210 -5.56 -4.70 -9.73
C GLY A 210 -4.16 -5.15 -10.11
N ILE A 211 -3.56 -6.01 -9.29
CA ILE A 211 -2.23 -6.56 -9.61
C ILE A 211 -2.30 -7.42 -10.87
N VAL A 212 -3.31 -8.29 -10.94
CA VAL A 212 -3.44 -9.16 -12.12
C VAL A 212 -3.66 -8.33 -13.37
N ALA A 213 -4.53 -7.32 -13.29
CA ALA A 213 -4.82 -6.50 -14.46
C ALA A 213 -3.57 -5.76 -14.92
N TYR A 214 -2.78 -5.24 -13.97
CA TYR A 214 -1.56 -4.53 -14.35
C TYR A 214 -0.54 -5.46 -14.99
N LEU A 215 -0.28 -6.62 -14.35
CA LEU A 215 0.72 -7.53 -14.89
C LEU A 215 0.27 -8.17 -16.20
N SER A 216 -1.03 -8.28 -16.44
CA SER A 216 -1.57 -8.80 -17.69
C SER A 216 -1.56 -7.77 -18.82
N GLY A 217 -1.30 -6.51 -18.53
CA GLY A 217 -1.33 -5.47 -19.56
C GLY A 217 -2.71 -4.97 -19.92
N THR A 218 -3.62 -4.91 -18.96
CA THR A 218 -5.00 -4.47 -19.20
C THR A 218 -5.08 -3.03 -19.70
CD ZGL B . 4.81 6.14 7.13
N ZGL B . 2.95 7.20 5.89
O2 ZGL B . 4.27 5.05 6.91
N1 ZGL B . 5.85 6.30 7.94
CA ZGL B . 4.30 7.40 6.45
CB ZGL B . 5.32 7.88 5.41
C ZGL B . 6.67 7.17 3.34
CG ZGL B . 5.64 6.79 4.39
OXT ZGL B . 7.16 8.33 3.35
O ZGL B . 6.98 6.30 2.51
N ALA C . -0.01 9.08 4.88
CA ALA C . 0.84 7.89 4.90
C ALA C . 2.24 8.22 5.41
O ALA C . 2.62 9.40 5.43
CB ALA C . 0.90 7.24 3.53
ZN ZN D . -0.39 4.34 7.05
#